data_3EFM
#
_entry.id   3EFM
#
_cell.length_a   165.893
_cell.length_b   188.847
_cell.length_c   62.437
_cell.angle_alpha   90.00
_cell.angle_beta   90.00
_cell.angle_gamma   90.00
#
_symmetry.space_group_name_H-M   'C 2 2 21'
#
loop_
_entity.id
_entity.type
_entity.pdbx_description
1 polymer 'Ferric alcaligin siderophore receptor'
2 non-polymer 'SULFATE ION'
3 water water
#
_entity_poly.entity_id   1
_entity_poly.type   'polypeptide(L)'
_entity_poly.pdbx_seq_one_letter_code
;QEARTGNDIAQLPAISVTGREISDLTEGTNAYTTEAMSTATGLTLSPRETPQSVSVVTRQQIEDQGLTDTGAILATAPGI
SVTRSDSNRYSFSARGFTIDNFQFDGLVSPILSQWNYGSTDMDAAIYDHVEIVRGATGLMTGSGNPSAAVNFVRKRPLRE
FAATFNASVGSWDYVRGDADISVPITEDGRIRSRLVAAYSQGDSYVHFLDTRRRTFYGVVSADLTPDTVLTTSVEYQHNH
SNGFGSGFPLFYSDGSRTDFNRSVANNAPWARQDTEATTYFVDLTHRFTNDWKLRAAYSHTDGRYLMKHVYRGGYPDRHT
GIIAAPPAFSNYDGNLDRDDIHFSLSAPFEAFGLRHEVALGWMSIDNHSDIQRYAMVGPAPAIGSFFDWRRAGSHHHHHH
HIQEPSWADTLSPADDVRTKQTGAYLVGRFALAEPLHLIVGDRWSDWKTKQMYFGSRREYRIKNQFTPYAGLTYDINDTY
TAYASYTEIFQPQNARDTSGGILPPIKSKSYELGLKAAYLEGRLNTSAALFQTRQDNLAQVIPGSSIPGFPNMQASRAAS
GAKVEGIDLEASGQILPDWNIGASYTHFTTKDASGNPINTNHPRSLFKLYTTYRLPGALHRLTVGGGVDWQSRMYQAAAS
PRGNVEVEQDSYALVSLMARFDFNKKLSATLNVNNLFDKKYYDQIGFYSQGWWGAPRNVMLNLRAQY
;
_entity_poly.pdbx_strand_id   A
#
loop_
_chem_comp.id
_chem_comp.type
_chem_comp.name
_chem_comp.formula
SO4 non-polymer 'SULFATE ION' 'O4 S -2'
#
# COMPACT_ATOMS: atom_id res chain seq x y z
N GLU A 21 -3.78 20.82 6.32
CA GLU A 21 -4.01 20.56 7.76
C GLU A 21 -3.98 19.07 8.06
N ILE A 22 -4.96 18.64 8.85
CA ILE A 22 -5.14 17.22 9.05
C ILE A 22 -6.10 16.75 8.00
N SER A 23 -6.58 15.56 8.23
CA SER A 23 -7.51 14.87 7.36
C SER A 23 -6.80 14.36 6.13
N ASP A 24 -6.52 13.08 6.21
CA ASP A 24 -6.21 12.24 5.10
C ASP A 24 -7.48 11.90 4.28
N LEU A 25 -8.64 12.33 4.76
CA LEU A 25 -9.92 12.06 4.11
C LEU A 25 -10.05 12.62 2.70
N THR A 26 -10.26 11.76 1.71
CA THR A 26 -10.38 12.25 0.33
C THR A 26 -11.80 12.11 -0.24
N GLU A 27 -12.70 11.45 0.47
CA GLU A 27 -14.08 11.27 -0.04
C GLU A 27 -14.83 12.59 0.03
N GLY A 28 -15.38 13.03 -1.09
CA GLY A 28 -16.19 14.27 -1.12
C GLY A 28 -15.42 15.50 -1.59
N THR A 29 -14.12 15.37 -1.76
CA THR A 29 -13.30 16.52 -2.14
C THR A 29 -13.32 16.75 -3.64
N ASN A 30 -13.65 15.70 -4.41
CA ASN A 30 -13.55 15.68 -5.88
C ASN A 30 -12.12 15.88 -6.40
N ALA A 31 -11.15 15.67 -5.52
CA ALA A 31 -9.76 16.04 -5.82
C ALA A 31 -8.89 14.84 -6.12
N TYR A 32 -7.87 15.09 -6.95
CA TYR A 32 -6.81 14.12 -7.32
C TYR A 32 -5.56 14.27 -6.44
N THR A 33 -5.65 15.14 -5.44
CA THR A 33 -4.60 15.19 -4.43
C THR A 33 -5.21 15.19 -3.01
N THR A 34 -4.34 15.26 -2.00
CA THR A 34 -4.78 15.19 -0.62
C THR A 34 -4.05 16.23 0.24
N GLU A 35 -4.63 16.56 1.39
CA GLU A 35 -4.03 17.47 2.35
C GLU A 35 -2.96 16.79 3.15
N ALA A 36 -3.08 15.50 3.34
CA ALA A 36 -2.34 14.84 4.42
C ALA A 36 -2.17 13.33 4.23
N MET A 37 -0.98 12.82 4.51
CA MET A 37 -0.80 11.36 4.62
C MET A 37 0.02 11.05 5.85
N SER A 38 0.08 9.79 6.26
CA SER A 38 0.88 9.47 7.43
C SER A 38 1.68 8.20 7.26
N THR A 39 1.81 7.70 6.03
CA THR A 39 2.39 6.38 5.86
C THR A 39 3.90 6.41 6.02
N ALA A 40 4.54 7.44 5.50
CA ALA A 40 5.99 7.50 5.47
C ALA A 40 6.65 7.53 6.86
N THR A 41 6.10 8.29 7.80
CA THR A 41 6.77 8.47 9.10
C THR A 41 5.91 8.18 10.30
N GLY A 42 4.63 7.91 10.07
CA GLY A 42 3.69 7.81 11.19
C GLY A 42 3.12 9.17 11.54
N LEU A 43 3.79 10.22 11.14
CA LEU A 43 3.30 11.56 11.46
C LEU A 43 2.43 12.00 10.30
N THR A 44 1.41 12.79 10.61
CA THR A 44 0.46 13.28 9.61
C THR A 44 1.03 14.53 8.97
N LEU A 45 1.45 14.40 7.73
CA LEU A 45 2.14 15.47 7.04
C LEU A 45 1.51 15.64 5.70
N SER A 46 1.46 16.88 5.23
CA SER A 46 1.18 17.13 3.80
C SER A 46 2.27 16.52 2.94
N PRO A 47 1.93 16.17 1.67
CA PRO A 47 2.96 15.82 0.64
C PRO A 47 4.18 16.74 0.64
N ARG A 48 3.99 18.07 0.64
CA ARG A 48 5.17 18.96 0.54
C ARG A 48 6.07 18.95 1.75
N GLU A 49 5.53 18.49 2.87
CA GLU A 49 6.31 18.40 4.10
C GLU A 49 6.92 17.00 4.36
N THR A 50 6.65 16.07 3.45
CA THR A 50 7.18 14.69 3.56
C THR A 50 8.42 14.53 2.69
N PRO A 51 9.58 14.24 3.31
CA PRO A 51 10.81 14.25 2.49
C PRO A 51 11.05 12.89 1.82
N GLN A 52 10.07 12.41 1.08
CA GLN A 52 10.10 11.15 0.37
C GLN A 52 9.10 11.26 -0.77
N SER A 53 9.21 10.37 -1.75
CA SER A 53 8.27 10.28 -2.85
C SER A 53 7.03 9.59 -2.38
N VAL A 54 5.92 10.32 -2.39
CA VAL A 54 4.64 9.89 -1.85
C VAL A 54 3.54 10.21 -2.81
N SER A 55 2.50 9.39 -2.85
CA SER A 55 1.40 9.56 -3.74
C SER A 55 0.15 9.16 -3.03
N VAL A 56 -0.96 9.60 -3.59
CA VAL A 56 -2.24 9.17 -3.16
C VAL A 56 -2.99 8.64 -4.40
N VAL A 57 -3.90 7.70 -4.19
CA VAL A 57 -4.97 7.47 -5.17
C VAL A 57 -6.27 7.79 -4.38
N THR A 58 -6.92 8.86 -4.77
CA THR A 58 -8.02 9.38 -4.02
C THR A 58 -9.31 8.66 -4.38
N ARG A 59 -10.29 8.78 -3.49
CA ARG A 59 -11.66 8.35 -3.77
C ARG A 59 -12.11 8.75 -5.19
N GLN A 60 -11.88 9.99 -5.59
CA GLN A 60 -12.29 10.48 -6.91
C GLN A 60 -11.59 9.79 -8.07
N GLN A 61 -10.29 9.55 -7.93
CA GLN A 61 -9.52 8.80 -8.91
C GLN A 61 -10.04 7.38 -9.10
N ILE A 62 -10.38 6.72 -7.99
CA ILE A 62 -10.93 5.37 -7.98
C ILE A 62 -12.26 5.31 -8.76
N GLU A 63 -13.12 6.32 -8.54
CA GLU A 63 -14.43 6.36 -9.20
C GLU A 63 -14.36 6.80 -10.65
N ASP A 64 -13.48 7.76 -10.97
CA ASP A 64 -13.32 8.22 -12.35
C ASP A 64 -12.85 7.10 -13.27
N GLN A 65 -11.92 6.28 -12.77
CA GLN A 65 -11.22 5.26 -13.53
C GLN A 65 -11.84 3.85 -13.40
N GLY A 66 -12.91 3.72 -12.62
CA GLY A 66 -13.58 2.46 -12.42
C GLY A 66 -12.69 1.38 -11.85
N LEU A 67 -11.89 1.74 -10.82
CA LEU A 67 -11.00 0.81 -10.11
C LEU A 67 -11.74 0.01 -9.01
N THR A 68 -11.76 -1.32 -9.15
CA THR A 68 -12.73 -2.14 -8.43
C THR A 68 -12.17 -2.92 -7.23
N ASP A 69 -10.85 -3.06 -7.20
CA ASP A 69 -10.17 -3.66 -6.07
C ASP A 69 -8.80 -3.04 -5.84
N THR A 70 -8.20 -3.42 -4.72
CA THR A 70 -6.86 -2.95 -4.30
C THR A 70 -5.74 -3.10 -5.34
N GLY A 71 -5.71 -4.22 -6.04
CA GLY A 71 -4.76 -4.47 -7.11
C GLY A 71 -4.86 -3.50 -8.28
N ALA A 72 -6.08 -3.29 -8.78
CA ALA A 72 -6.36 -2.31 -9.83
C ALA A 72 -6.02 -0.86 -9.39
N ILE A 73 -6.27 -0.52 -8.13
CA ILE A 73 -5.91 0.79 -7.58
C ILE A 73 -4.40 1.02 -7.56
N LEU A 74 -3.67 0.02 -7.08
CA LEU A 74 -2.20 0.02 -7.07
C LEU A 74 -1.56 0.08 -8.46
N ALA A 75 -2.13 -0.66 -9.41
CA ALA A 75 -1.63 -0.68 -10.79
C ALA A 75 -1.58 0.70 -11.48
N THR A 76 -2.51 1.58 -11.13
CA THR A 76 -2.58 2.95 -11.68
C THR A 76 -1.63 3.95 -11.00
N ALA A 77 -1.07 3.61 -9.84
CA ALA A 77 -0.32 4.59 -9.05
C ALA A 77 1.09 4.90 -9.57
N PRO A 78 1.56 6.15 -9.30
CA PRO A 78 2.87 6.60 -9.79
C PRO A 78 3.99 5.65 -9.37
N GLY A 79 4.87 5.34 -10.30
CA GLY A 79 6.03 4.51 -9.98
C GLY A 79 5.75 3.01 -9.86
N ILE A 80 4.49 2.58 -9.98
CA ILE A 80 4.15 1.14 -9.83
C ILE A 80 4.04 0.42 -11.18
N SER A 81 4.65 -0.75 -11.29
CA SER A 81 4.35 -1.62 -12.42
C SER A 81 3.94 -3.04 -11.99
N VAL A 82 3.23 -3.73 -12.86
CA VAL A 82 2.96 -5.16 -12.75
C VAL A 82 4.04 -5.88 -13.52
N THR A 83 4.90 -6.60 -12.80
CA THR A 83 6.01 -7.35 -13.41
C THR A 83 5.76 -8.86 -13.42
N ARG A 84 6.33 -9.52 -14.44
CA ARG A 84 5.88 -10.84 -14.87
C ARG A 84 6.82 -12.00 -14.50
N SER A 85 8.10 -11.70 -14.26
CA SER A 85 9.12 -12.69 -13.83
C SER A 85 9.21 -14.07 -14.57
N ASP A 86 8.09 -14.79 -14.73
CA ASP A 86 8.13 -16.11 -15.40
C ASP A 86 7.00 -16.45 -16.40
N SER A 87 5.84 -15.79 -16.26
CA SER A 87 4.71 -15.99 -17.20
C SER A 87 3.89 -14.71 -17.54
N ASN A 88 3.28 -14.10 -16.51
CA ASN A 88 2.58 -12.80 -16.59
C ASN A 88 1.64 -12.54 -15.39
N ARG A 89 1.61 -11.29 -14.93
CA ARG A 89 0.74 -10.86 -13.82
C ARG A 89 1.30 -11.13 -12.41
N TYR A 90 2.45 -11.82 -12.34
CA TYR A 90 3.11 -12.18 -11.07
C TYR A 90 3.04 -11.13 -9.94
N SER A 91 3.78 -10.02 -10.09
CA SER A 91 3.98 -9.07 -8.97
C SER A 91 3.63 -7.58 -9.20
N PHE A 92 3.46 -6.84 -8.11
CA PHE A 92 3.52 -5.37 -8.15
C PHE A 92 4.96 -4.95 -7.86
N SER A 93 5.46 -3.95 -8.60
CA SER A 93 6.84 -3.52 -8.43
C SER A 93 7.01 -2.01 -8.37
N ALA A 94 8.12 -1.59 -7.77
CA ALA A 94 8.55 -0.19 -7.81
C ALA A 94 10.03 -0.13 -7.55
N ARG A 95 10.72 0.63 -8.39
CA ARG A 95 12.15 0.90 -8.26
C ARG A 95 13.04 -0.32 -8.29
N GLY A 96 12.63 -1.32 -9.06
CA GLY A 96 13.49 -2.46 -9.30
C GLY A 96 13.21 -3.62 -8.38
N PHE A 97 12.22 -3.48 -7.48
CA PHE A 97 11.94 -4.47 -6.44
C PHE A 97 10.44 -4.74 -6.32
N THR A 98 10.15 -5.97 -5.90
CA THR A 98 8.79 -6.45 -5.62
C THR A 98 8.21 -5.73 -4.39
N ILE A 99 6.92 -5.41 -4.46
CA ILE A 99 6.17 -4.92 -3.31
C ILE A 99 5.68 -6.16 -2.53
N ASP A 100 6.30 -6.42 -1.39
CA ASP A 100 6.09 -7.68 -0.68
C ASP A 100 5.24 -7.52 0.57
N ASN A 101 4.83 -6.27 0.81
CA ASN A 101 3.99 -5.86 1.90
C ASN A 101 2.87 -4.91 1.47
N PHE A 102 1.71 -5.04 2.12
CA PHE A 102 0.63 -4.07 2.10
C PHE A 102 0.36 -3.61 3.53
N GLN A 103 -0.33 -2.47 3.65
CA GLN A 103 -0.79 -1.97 4.92
C GLN A 103 -2.26 -1.68 4.78
N PHE A 104 -3.01 -1.92 5.86
CA PHE A 104 -4.38 -1.51 5.94
C PHE A 104 -4.49 -0.73 7.22
N ASP A 105 -4.89 0.54 7.14
CA ASP A 105 -4.91 1.41 8.33
C ASP A 105 -3.56 1.33 9.04
N GLY A 106 -2.50 1.20 8.24
CA GLY A 106 -1.13 1.25 8.76
C GLY A 106 -0.63 -0.07 9.33
N LEU A 107 -1.44 -1.11 9.34
CA LEU A 107 -0.98 -2.37 9.87
C LEU A 107 -0.48 -3.22 8.70
N VAL A 108 0.79 -3.58 8.75
CA VAL A 108 1.45 -4.38 7.72
C VAL A 108 0.94 -5.79 7.62
N SER A 109 0.66 -6.21 6.39
CA SER A 109 0.42 -7.62 6.11
C SER A 109 1.26 -8.11 4.90
N PRO A 110 2.12 -9.13 5.11
CA PRO A 110 2.87 -9.68 3.96
C PRO A 110 1.94 -10.24 2.86
N ILE A 111 2.31 -10.06 1.59
CA ILE A 111 1.42 -10.43 0.48
C ILE A 111 1.95 -11.39 -0.57
N LEU A 112 3.22 -11.76 -0.51
CA LEU A 112 3.71 -12.69 -1.52
C LEU A 112 3.33 -14.16 -1.21
N SER A 113 3.08 -14.92 -2.27
CA SER A 113 2.83 -16.36 -2.20
C SER A 113 1.67 -16.73 -1.26
N GLN A 114 1.95 -17.50 -0.21
CA GLN A 114 0.91 -18.01 0.70
C GLN A 114 0.35 -16.97 1.68
N TRP A 115 0.86 -15.75 1.61
CA TRP A 115 0.44 -14.68 2.53
C TRP A 115 -0.71 -13.82 2.00
N ASN A 116 -0.84 -13.74 0.67
CA ASN A 116 -1.88 -12.92 0.01
C ASN A 116 -3.30 -13.04 0.62
N TYR A 117 -3.94 -14.20 0.44
CA TYR A 117 -5.35 -14.42 0.82
C TYR A 117 -6.28 -13.24 0.50
N GLY A 118 -6.17 -12.74 -0.74
CA GLY A 118 -7.10 -11.74 -1.25
C GLY A 118 -6.71 -10.30 -1.08
N SER A 119 -5.55 -10.05 -0.45
CA SER A 119 -5.07 -8.67 -0.21
C SER A 119 -5.06 -7.79 -1.47
N THR A 120 -4.63 -8.39 -2.59
CA THR A 120 -4.54 -7.71 -3.88
C THR A 120 -5.87 -7.77 -4.67
N ASP A 121 -6.90 -8.35 -4.04
CA ASP A 121 -8.24 -8.52 -4.62
C ASP A 121 -9.37 -7.94 -3.73
N MET A 122 -9.04 -7.17 -2.68
CA MET A 122 -10.05 -6.65 -1.77
C MET A 122 -10.87 -5.59 -2.48
N ASP A 123 -12.18 -5.61 -2.29
CA ASP A 123 -13.04 -4.64 -2.94
C ASP A 123 -12.70 -3.17 -2.58
N ALA A 124 -12.56 -2.34 -3.60
CA ALA A 124 -12.24 -0.91 -3.46
C ALA A 124 -13.25 -0.10 -2.65
N ALA A 125 -14.49 -0.57 -2.57
CA ALA A 125 -15.57 0.15 -1.88
C ALA A 125 -15.28 0.41 -0.40
N ILE A 126 -14.41 -0.41 0.20
CA ILE A 126 -14.06 -0.33 1.64
C ILE A 126 -13.18 0.87 1.97
N TYR A 127 -12.50 1.40 0.95
CA TYR A 127 -11.33 2.29 1.15
C TYR A 127 -11.61 3.68 0.73
N ASP A 128 -11.19 4.63 1.55
CA ASP A 128 -11.29 6.04 1.22
C ASP A 128 -10.18 6.38 0.19
N HIS A 129 -8.96 5.94 0.46
CA HIS A 129 -7.86 6.16 -0.45
C HIS A 129 -6.73 5.15 -0.12
N VAL A 130 -5.69 5.16 -0.96
CA VAL A 130 -4.42 4.50 -0.69
C VAL A 130 -3.32 5.54 -0.70
N GLU A 131 -2.44 5.40 0.29
CA GLU A 131 -1.22 6.18 0.42
C GLU A 131 -0.04 5.32 -0.02
N ILE A 132 0.80 5.88 -0.91
CA ILE A 132 2.00 5.25 -1.43
C ILE A 132 3.25 5.99 -0.92
N VAL A 133 4.31 5.24 -0.61
CA VAL A 133 5.63 5.79 -0.30
C VAL A 133 6.64 4.92 -1.03
N ARG A 134 7.40 5.52 -1.95
CA ARG A 134 8.40 4.80 -2.72
C ARG A 134 9.81 4.83 -2.09
N GLY A 135 10.60 3.76 -2.32
CA GLY A 135 11.93 3.62 -1.79
C GLY A 135 11.85 2.80 -0.48
N ALA A 136 12.89 2.87 0.31
CA ALA A 136 12.98 2.13 1.55
C ALA A 136 12.01 2.77 2.53
N THR A 137 11.23 1.96 3.24
CA THR A 137 10.23 2.48 4.15
C THR A 137 10.27 1.75 5.47
N GLY A 138 11.47 1.38 5.92
CA GLY A 138 11.61 0.46 7.07
C GLY A 138 11.17 0.96 8.43
N LEU A 139 11.14 2.29 8.58
CA LEU A 139 10.80 2.97 9.84
C LEU A 139 9.49 2.52 10.40
N MET A 140 8.48 2.52 9.53
CA MET A 140 7.13 2.12 9.84
C MET A 140 6.84 0.66 9.39
N THR A 141 7.54 0.18 8.36
CA THR A 141 7.28 -1.16 7.80
C THR A 141 7.86 -2.33 8.61
N GLY A 142 9.14 -2.25 8.98
CA GLY A 142 9.89 -3.40 9.45
C GLY A 142 10.65 -4.05 8.31
N SER A 143 10.51 -5.37 8.16
CA SER A 143 11.23 -6.07 7.07
C SER A 143 10.55 -5.82 5.73
N GLY A 144 11.31 -5.84 4.65
CA GLY A 144 10.68 -5.58 3.35
C GLY A 144 11.69 -5.22 2.30
N ASN A 145 11.21 -5.02 1.07
CA ASN A 145 12.03 -4.57 -0.05
C ASN A 145 11.91 -3.07 -0.21
N PRO A 146 12.97 -2.44 -0.76
CA PRO A 146 13.00 -0.97 -0.96
C PRO A 146 12.22 -0.57 -2.21
N SER A 147 11.00 -1.07 -2.31
CA SER A 147 10.15 -0.76 -3.43
C SER A 147 9.15 0.33 -3.04
N ALA A 148 8.08 -0.02 -2.32
CA ALA A 148 7.07 0.94 -1.86
C ALA A 148 6.35 0.44 -0.62
N ALA A 149 5.92 1.34 0.26
CA ALA A 149 4.84 1.00 1.18
C ALA A 149 3.50 1.45 0.57
N VAL A 150 2.48 0.61 0.74
CA VAL A 150 1.19 0.78 0.13
C VAL A 150 0.16 0.62 1.25
N ASN A 151 -0.52 1.73 1.59
CA ASN A 151 -1.40 1.80 2.73
C ASN A 151 -2.83 2.16 2.34
N PHE A 152 -3.69 1.15 2.34
CA PHE A 152 -5.14 1.31 2.14
C PHE A 152 -5.83 1.79 3.40
N VAL A 153 -6.46 2.95 3.30
CA VAL A 153 -7.10 3.56 4.44
C VAL A 153 -8.59 3.32 4.33
N ARG A 154 -9.15 2.61 5.32
CA ARG A 154 -10.56 2.23 5.29
C ARG A 154 -11.46 3.41 5.63
N LYS A 155 -12.61 3.45 4.95
CA LYS A 155 -13.75 4.33 5.30
C LYS A 155 -14.13 4.20 6.77
N ARG A 156 -14.51 5.34 7.36
CA ARG A 156 -14.94 5.45 8.75
C ARG A 156 -16.34 6.05 8.78
N PRO A 157 -17.12 5.80 9.87
CA PRO A 157 -18.50 6.29 9.91
C PRO A 157 -18.60 7.81 9.92
N LEU A 158 -19.65 8.34 9.33
CA LEU A 158 -19.89 9.78 9.35
C LEU A 158 -20.74 10.07 10.55
N ARG A 159 -20.88 11.34 10.91
CA ARG A 159 -21.69 11.70 12.06
C ARG A 159 -23.15 11.86 11.70
N GLU A 160 -23.41 12.07 10.42
CA GLU A 160 -24.81 12.05 9.95
C GLU A 160 -25.05 10.96 8.88
N PHE A 161 -26.32 10.70 8.63
CA PHE A 161 -26.74 9.71 7.68
C PHE A 161 -26.23 10.04 6.29
N ALA A 162 -25.76 9.02 5.60
CA ALA A 162 -25.29 9.15 4.25
C ALA A 162 -25.45 7.79 3.63
N ALA A 163 -25.76 7.79 2.34
CA ALA A 163 -25.86 6.56 1.58
C ALA A 163 -25.36 6.77 0.14
N THR A 164 -24.57 5.80 -0.35
CA THR A 164 -24.15 5.72 -1.75
C THR A 164 -24.30 4.31 -2.31
N PHE A 165 -24.77 4.25 -3.55
CA PHE A 165 -25.00 3.00 -4.25
C PHE A 165 -24.39 3.12 -5.64
N ASN A 166 -23.83 2.00 -6.09
CA ASN A 166 -23.33 1.85 -7.45
C ASN A 166 -23.82 0.56 -8.07
N ALA A 167 -24.16 0.65 -9.35
CA ALA A 167 -24.51 -0.52 -10.13
C ALA A 167 -23.78 -0.45 -11.45
N SER A 168 -23.02 -1.49 -11.79
CA SER A 168 -22.21 -1.50 -13.03
C SER A 168 -22.47 -2.71 -13.92
N VAL A 169 -22.26 -2.51 -15.22
CA VAL A 169 -22.24 -3.61 -16.19
C VAL A 169 -21.06 -3.43 -17.11
N GLY A 170 -20.60 -4.50 -17.74
CA GLY A 170 -19.39 -4.43 -18.54
C GLY A 170 -19.20 -5.61 -19.46
N SER A 171 -18.16 -5.53 -20.28
CA SER A 171 -17.73 -6.59 -21.19
C SER A 171 -17.60 -7.92 -20.46
N TRP A 172 -17.85 -9.02 -21.16
CA TRP A 172 -17.73 -10.38 -20.61
C TRP A 172 -18.71 -10.66 -19.48
N ASP A 173 -19.93 -10.17 -19.62
CA ASP A 173 -20.97 -10.40 -18.60
C ASP A 173 -20.58 -9.97 -17.18
N TYR A 174 -19.79 -8.92 -17.10
CA TYR A 174 -19.43 -8.34 -15.82
C TYR A 174 -20.60 -7.56 -15.26
N VAL A 175 -20.88 -7.80 -13.98
CA VAL A 175 -21.89 -7.07 -13.21
C VAL A 175 -21.35 -6.75 -11.81
N ARG A 176 -21.64 -5.56 -11.31
CA ARG A 176 -21.22 -5.16 -9.97
C ARG A 176 -22.24 -4.29 -9.27
N GLY A 177 -22.43 -4.50 -7.97
CA GLY A 177 -23.23 -3.58 -7.18
C GLY A 177 -22.54 -3.31 -5.87
N ASP A 178 -22.64 -2.09 -5.36
CA ASP A 178 -22.24 -1.85 -3.98
C ASP A 178 -23.13 -0.88 -3.22
N ALA A 179 -23.05 -0.96 -1.89
CA ALA A 179 -23.82 -0.13 -1.00
C ALA A 179 -22.92 0.37 0.12
N ASP A 180 -23.08 1.63 0.48
CA ASP A 180 -22.28 2.28 1.49
C ASP A 180 -23.24 3.14 2.28
N ILE A 181 -23.50 2.75 3.52
CA ILE A 181 -24.46 3.44 4.38
C ILE A 181 -23.88 3.77 5.78
N SER A 182 -23.89 5.07 6.14
CA SER A 182 -23.61 5.57 7.48
C SER A 182 -24.87 5.84 8.25
N VAL A 183 -25.05 5.13 9.35
CA VAL A 183 -26.17 5.37 10.24
C VAL A 183 -25.68 5.81 11.62
N PRO A 184 -25.99 7.06 12.03
CA PRO A 184 -25.80 7.42 13.45
C PRO A 184 -26.61 6.46 14.34
N ILE A 185 -26.01 6.02 15.44
CA ILE A 185 -26.63 5.07 16.37
C ILE A 185 -27.33 5.82 17.51
N THR A 186 -26.78 6.98 17.85
CA THR A 186 -27.48 7.97 18.65
C THR A 186 -27.65 9.18 17.73
N GLU A 187 -28.58 10.08 18.08
CA GLU A 187 -28.93 11.23 17.24
C GLU A 187 -27.73 12.16 16.92
N ASP A 188 -27.01 12.60 17.96
CA ASP A 188 -25.78 13.44 17.81
C ASP A 188 -24.68 12.82 16.94
N GLY A 189 -24.60 11.48 16.92
CA GLY A 189 -23.54 10.78 16.18
C GLY A 189 -22.35 10.41 17.06
N ARG A 190 -22.52 10.59 18.37
CA ARG A 190 -21.58 10.11 19.39
C ARG A 190 -21.30 8.60 19.25
N ILE A 191 -22.34 7.82 18.97
CA ILE A 191 -22.17 6.46 18.47
C ILE A 191 -22.63 6.42 17.01
N ARG A 192 -21.76 5.96 16.14
CA ARG A 192 -21.99 6.01 14.71
C ARG A 192 -21.54 4.69 14.01
N SER A 193 -22.28 4.26 12.99
CA SER A 193 -21.89 3.03 12.26
C SER A 193 -21.80 3.28 10.77
N ARG A 194 -21.10 2.39 10.05
CA ARG A 194 -21.02 2.46 8.60
C ARG A 194 -20.92 1.06 8.04
N LEU A 195 -21.72 0.78 7.01
CA LEU A 195 -21.75 -0.54 6.40
C LEU A 195 -21.48 -0.41 4.90
N VAL A 196 -20.53 -1.23 4.42
CA VAL A 196 -20.26 -1.37 3.00
C VAL A 196 -20.44 -2.83 2.54
N ALA A 197 -21.11 -3.01 1.41
CA ALA A 197 -21.27 -4.33 0.85
C ALA A 197 -21.11 -4.19 -0.64
N ALA A 198 -20.47 -5.18 -1.24
CA ALA A 198 -20.29 -5.22 -2.66
C ALA A 198 -20.43 -6.65 -3.15
N TYR A 199 -20.85 -6.76 -4.39
CA TYR A 199 -20.85 -8.00 -5.11
C TYR A 199 -20.36 -7.70 -6.52
N SER A 200 -19.67 -8.68 -7.10
CA SER A 200 -19.35 -8.69 -8.53
C SER A 200 -19.27 -10.11 -9.09
N GLN A 201 -19.51 -10.23 -10.39
CA GLN A 201 -19.44 -11.50 -11.13
C GLN A 201 -18.80 -11.20 -12.47
N GLY A 202 -18.21 -12.21 -13.10
CA GLY A 202 -17.60 -12.03 -14.42
C GLY A 202 -16.85 -13.21 -15.03
N ASP A 203 -16.31 -12.96 -16.23
CA ASP A 203 -15.33 -13.84 -16.89
C ASP A 203 -14.64 -13.11 -18.04
N LEU A 209 -14.17 -19.16 -17.63
CA LEU A 209 -13.29 -18.45 -16.70
C LEU A 209 -14.06 -17.63 -15.64
N ASP A 210 -15.24 -18.12 -15.22
CA ASP A 210 -16.13 -17.33 -14.34
C ASP A 210 -15.65 -17.11 -12.89
N THR A 211 -15.83 -15.88 -12.41
CA THR A 211 -15.41 -15.48 -11.08
C THR A 211 -16.51 -14.67 -10.37
N ARG A 212 -16.60 -14.81 -9.04
CA ARG A 212 -17.52 -13.97 -8.26
C ARG A 212 -16.94 -13.55 -6.91
N ARG A 213 -17.39 -12.41 -6.41
CA ARG A 213 -16.82 -11.81 -5.23
C ARG A 213 -17.89 -11.21 -4.36
N ARG A 214 -17.84 -11.54 -3.07
CA ARG A 214 -18.74 -10.98 -2.08
C ARG A 214 -17.93 -10.37 -0.95
N THR A 215 -18.31 -9.14 -0.56
CA THR A 215 -17.60 -8.32 0.42
C THR A 215 -18.56 -7.61 1.38
N PHE A 216 -18.27 -7.70 2.66
CA PHE A 216 -18.99 -6.97 3.64
C PHE A 216 -17.98 -6.25 4.51
N TYR A 217 -18.31 -5.02 4.92
CA TYR A 217 -17.49 -4.31 5.89
C TYR A 217 -18.38 -3.45 6.79
N GLY A 218 -18.34 -3.72 8.09
CA GLY A 218 -19.16 -3.00 9.08
C GLY A 218 -18.29 -2.40 10.16
N VAL A 219 -18.50 -1.13 10.47
CA VAL A 219 -17.68 -0.41 11.47
C VAL A 219 -18.55 0.42 12.42
N VAL A 220 -18.28 0.31 13.73
CA VAL A 220 -18.89 1.21 14.73
C VAL A 220 -17.82 2.01 15.51
N SER A 221 -18.03 3.32 15.62
CA SER A 221 -17.20 4.17 16.49
C SER A 221 -18.05 4.76 17.60
N ALA A 222 -17.48 4.81 18.80
CA ALA A 222 -18.12 5.43 19.92
C ALA A 222 -17.16 6.40 20.62
N ASP A 223 -17.60 7.65 20.77
CA ASP A 223 -16.92 8.63 21.59
C ASP A 223 -17.19 8.27 23.04
N LEU A 224 -16.24 7.61 23.70
CA LEU A 224 -16.44 7.20 25.09
C LEU A 224 -16.38 8.47 25.97
N THR A 225 -15.61 9.46 25.52
CA THR A 225 -15.60 10.81 26.08
C THR A 225 -15.45 11.73 24.87
N PRO A 226 -15.53 13.07 25.07
CA PRO A 226 -15.21 13.91 23.89
C PRO A 226 -13.79 13.71 23.38
N ASP A 227 -12.92 13.02 24.14
CA ASP A 227 -11.54 12.83 23.67
C ASP A 227 -11.07 11.36 23.49
N THR A 228 -12.00 10.41 23.67
CA THR A 228 -11.75 8.98 23.62
C THR A 228 -12.67 8.32 22.60
N VAL A 229 -12.08 7.82 21.52
CA VAL A 229 -12.83 7.09 20.50
C VAL A 229 -12.48 5.59 20.53
N LEU A 230 -13.50 4.77 20.67
CA LEU A 230 -13.41 3.33 20.46
C LEU A 230 -14.05 2.98 19.13
N THR A 231 -13.29 2.34 18.27
CA THR A 231 -13.78 1.83 17.02
C THR A 231 -13.64 0.30 16.93
N THR A 232 -14.67 -0.36 16.43
CA THR A 232 -14.66 -1.81 16.19
C THR A 232 -15.16 -2.05 14.77
N SER A 233 -14.61 -3.05 14.11
CA SER A 233 -15.09 -3.37 12.80
C SER A 233 -14.86 -4.85 12.43
N VAL A 234 -15.66 -5.29 11.46
CA VAL A 234 -15.47 -6.61 10.86
C VAL A 234 -15.43 -6.42 9.33
N GLU A 235 -14.49 -7.08 8.70
CA GLU A 235 -14.35 -7.08 7.27
C GLU A 235 -14.42 -8.55 6.77
N TYR A 236 -15.14 -8.78 5.68
CA TYR A 236 -15.26 -10.12 5.15
C TYR A 236 -15.18 -10.11 3.61
N GLN A 237 -14.38 -10.98 3.02
CA GLN A 237 -14.45 -11.21 1.59
C GLN A 237 -14.37 -12.68 1.18
N HIS A 238 -15.22 -13.05 0.22
CA HIS A 238 -15.18 -14.34 -0.43
C HIS A 238 -14.92 -14.18 -1.94
N ASN A 239 -13.81 -14.71 -2.43
CA ASN A 239 -13.55 -14.76 -3.88
C ASN A 239 -13.61 -16.19 -4.42
N HIS A 240 -14.52 -16.43 -5.37
CA HIS A 240 -14.64 -17.74 -6.04
C HIS A 240 -14.32 -17.59 -7.53
N SER A 241 -13.59 -18.56 -8.06
CA SER A 241 -13.31 -18.63 -9.49
C SER A 241 -13.25 -20.08 -9.97
N ASN A 242 -13.63 -20.28 -11.23
CA ASN A 242 -13.57 -21.62 -11.84
C ASN A 242 -13.40 -21.62 -13.36
N GLY A 243 -13.35 -22.82 -13.92
CA GLY A 243 -13.18 -23.03 -15.35
C GLY A 243 -12.41 -24.31 -15.60
N PRO A 269 -9.03 -30.13 -17.66
CA PRO A 269 -8.92 -29.89 -16.21
C PRO A 269 -9.69 -28.66 -15.72
N TRP A 270 -10.87 -28.89 -15.14
CA TRP A 270 -11.64 -27.83 -14.46
C TRP A 270 -10.91 -27.39 -13.18
N ALA A 271 -10.61 -26.09 -13.06
CA ALA A 271 -9.83 -25.54 -11.92
C ALA A 271 -10.63 -25.52 -10.61
N ARG A 272 -11.18 -24.35 -10.25
CA ARG A 272 -11.94 -24.16 -8.99
C ARG A 272 -11.09 -23.68 -7.78
N GLN A 273 -11.24 -22.41 -7.44
CA GLN A 273 -10.41 -21.76 -6.42
C GLN A 273 -11.29 -20.86 -5.54
N ASP A 274 -11.35 -21.17 -4.24
CA ASP A 274 -12.05 -20.34 -3.24
C ASP A 274 -11.10 -19.72 -2.20
N THR A 275 -11.29 -18.43 -1.96
CA THR A 275 -10.57 -17.68 -0.92
C THR A 275 -11.58 -16.95 -0.04
N GLU A 276 -11.46 -17.13 1.27
CA GLU A 276 -12.32 -16.47 2.23
C GLU A 276 -11.45 -15.81 3.31
N ALA A 277 -11.76 -14.59 3.69
CA ALA A 277 -10.99 -13.89 4.72
C ALA A 277 -11.87 -12.98 5.58
N THR A 278 -11.72 -13.10 6.90
CA THR A 278 -12.40 -12.22 7.85
C THR A 278 -11.35 -11.52 8.69
N THR A 279 -11.47 -10.20 8.82
CA THR A 279 -10.60 -9.43 9.70
C THR A 279 -11.45 -8.75 10.76
N TYR A 280 -11.10 -9.00 12.02
CA TYR A 280 -11.62 -8.25 13.16
C TYR A 280 -10.60 -7.18 13.56
N PHE A 281 -11.09 -5.96 13.69
CA PHE A 281 -10.24 -4.80 13.89
C PHE A 281 -10.83 -3.99 15.06
N VAL A 282 -9.94 -3.35 15.82
CA VAL A 282 -10.32 -2.54 16.96
C VAL A 282 -9.22 -1.50 17.21
N ASP A 283 -9.63 -0.25 17.38
CA ASP A 283 -8.69 0.77 17.83
C ASP A 283 -9.25 1.71 18.88
N LEU A 284 -8.38 2.19 19.74
CA LEU A 284 -8.77 3.08 20.81
C LEU A 284 -7.86 4.26 20.76
N THR A 285 -8.47 5.43 20.79
CA THR A 285 -7.77 6.68 20.70
C THR A 285 -8.14 7.54 21.89
N HIS A 286 -7.15 8.19 22.47
CA HIS A 286 -7.37 9.11 23.55
C HIS A 286 -6.45 10.31 23.44
N ARG A 287 -7.02 11.51 23.50
CA ARG A 287 -6.25 12.72 23.48
C ARG A 287 -6.30 13.28 24.90
N PHE A 288 -5.13 13.41 25.55
CA PHE A 288 -5.08 14.08 26.85
C PHE A 288 -5.27 15.59 26.67
N THR A 289 -5.66 16.30 27.73
CA THR A 289 -5.86 17.76 27.58
C THR A 289 -4.60 18.53 27.21
N ASN A 290 -3.44 17.90 27.27
CA ASN A 290 -2.24 18.50 26.73
C ASN A 290 -2.01 18.22 25.26
N ASP A 291 -2.96 17.53 24.63
CA ASP A 291 -2.84 17.13 23.23
C ASP A 291 -1.84 16.00 23.00
N TRP A 292 -1.31 15.40 24.07
CA TRP A 292 -0.63 14.11 23.89
C TRP A 292 -1.72 13.12 23.50
N LYS A 293 -1.40 12.20 22.60
CA LYS A 293 -2.38 11.22 22.09
C LYS A 293 -1.91 9.79 22.28
N LEU A 294 -2.79 8.96 22.81
CA LEU A 294 -2.56 7.54 22.85
C LEU A 294 -3.40 6.86 21.77
N ARG A 295 -2.79 5.96 21.01
CA ARG A 295 -3.53 5.07 20.12
C ARG A 295 -3.12 3.61 20.30
N ALA A 296 -4.12 2.74 20.39
CA ALA A 296 -3.95 1.31 20.48
C ALA A 296 -4.78 0.68 19.37
N ALA A 297 -4.15 -0.14 18.53
CA ALA A 297 -4.85 -0.83 17.46
C ALA A 297 -4.54 -2.33 17.45
N TYR A 298 -5.57 -3.12 17.20
CA TYR A 298 -5.43 -4.57 17.07
C TYR A 298 -6.27 -5.08 15.90
N SER A 299 -5.70 -6.05 15.20
CA SER A 299 -6.33 -6.72 14.09
C SER A 299 -6.07 -8.25 14.13
N HIS A 300 -7.11 -8.86 13.77
CA HIS A 300 -7.00 -10.30 13.71
C HIS A 300 -7.65 -10.83 12.44
N THR A 301 -6.90 -11.62 11.69
CA THR A 301 -7.40 -12.16 10.43
C THR A 301 -7.37 -13.67 10.30
N ASP A 302 -8.48 -14.24 9.84
CA ASP A 302 -8.61 -15.67 9.63
C ASP A 302 -8.77 -15.84 8.12
N GLY A 303 -8.00 -16.72 7.65
CA GLY A 303 -8.08 -16.82 6.20
C GLY A 303 -8.23 -18.29 5.79
N ARG A 304 -8.95 -18.52 4.70
CA ARG A 304 -9.15 -19.91 4.24
C ARG A 304 -8.99 -19.97 2.72
N TYR A 305 -8.15 -20.88 2.27
CA TYR A 305 -7.93 -21.08 0.84
C TYR A 305 -8.22 -22.55 0.42
N LEU A 306 -8.71 -22.73 -0.81
CA LEU A 306 -9.21 -24.03 -1.26
C LEU A 306 -9.17 -24.11 -2.77
N MET A 307 -8.33 -25.01 -3.29
CA MET A 307 -8.09 -25.14 -4.72
C MET A 307 -8.24 -26.60 -5.20
N LYS A 308 -9.05 -26.79 -6.22
CA LYS A 308 -9.25 -28.10 -6.87
C LYS A 308 -8.65 -28.11 -8.27
N HIS A 309 -8.25 -29.28 -8.77
CA HIS A 309 -7.86 -29.42 -10.18
C HIS A 309 -8.39 -30.69 -10.82
N VAL A 310 -8.78 -30.60 -12.09
CA VAL A 310 -9.40 -31.69 -12.86
C VAL A 310 -10.48 -32.43 -12.08
N PHE A 329 -8.37 -34.62 -8.68
CA PHE A 329 -7.00 -35.01 -9.01
C PHE A 329 -5.95 -34.21 -8.22
N SER A 330 -6.14 -32.90 -8.07
CA SER A 330 -5.29 -32.11 -7.16
C SER A 330 -6.12 -31.24 -6.21
N ASN A 331 -5.67 -31.17 -4.96
CA ASN A 331 -6.37 -30.46 -3.92
C ASN A 331 -5.44 -29.64 -3.01
N TYR A 332 -5.78 -28.37 -2.83
CA TYR A 332 -4.99 -27.44 -2.02
C TYR A 332 -5.85 -26.88 -0.91
N ASP A 333 -5.41 -27.02 0.33
CA ASP A 333 -6.17 -26.55 1.47
C ASP A 333 -5.25 -25.71 2.36
N GLY A 334 -5.53 -24.41 2.42
CA GLY A 334 -4.72 -23.48 3.17
C GLY A 334 -5.48 -22.72 4.24
N ASN A 335 -4.83 -22.51 5.39
CA ASN A 335 -5.40 -21.66 6.43
C ASN A 335 -4.41 -20.59 6.79
N LEU A 336 -4.95 -19.43 7.12
CA LEU A 336 -4.16 -18.29 7.52
C LEU A 336 -4.72 -17.75 8.83
N ASP A 337 -3.82 -17.46 9.76
CA ASP A 337 -4.17 -16.60 10.88
C ASP A 337 -3.08 -15.56 11.18
N ARG A 338 -3.53 -14.36 11.44
CA ARG A 338 -2.64 -13.20 11.50
C ARG A 338 -3.11 -12.26 12.61
N ASP A 339 -2.18 -11.88 13.48
CA ASP A 339 -2.44 -10.81 14.46
C ASP A 339 -1.47 -9.63 14.31
N ASP A 340 -2.06 -8.43 14.29
CA ASP A 340 -1.32 -7.17 14.25
C ASP A 340 -1.68 -6.28 15.44
N ILE A 341 -0.66 -5.71 16.06
CA ILE A 341 -0.80 -4.80 17.20
C ILE A 341 0.03 -3.57 16.96
N HIS A 342 -0.47 -2.43 17.41
CA HIS A 342 0.21 -1.16 17.27
C HIS A 342 -0.21 -0.28 18.42
N PHE A 343 0.78 0.21 19.17
CA PHE A 343 0.56 1.20 20.24
C PHE A 343 1.38 2.41 19.90
N SER A 344 0.80 3.59 20.07
CA SER A 344 1.61 4.81 19.98
C SER A 344 1.25 5.89 21.00
N LEU A 345 2.27 6.67 21.34
CA LEU A 345 2.14 7.89 22.10
C LEU A 345 2.79 9.00 21.29
N SER A 346 2.02 10.00 20.94
CA SER A 346 2.61 11.17 20.33
C SER A 346 2.32 12.45 21.11
N ALA A 347 3.17 13.43 20.89
CA ALA A 347 3.21 14.62 21.69
C ALA A 347 3.81 15.79 20.90
N PRO A 348 3.00 16.84 20.69
CA PRO A 348 3.42 18.11 20.14
C PRO A 348 3.96 18.94 21.27
N PHE A 349 4.95 19.80 21.01
CA PHE A 349 5.48 20.71 22.02
C PHE A 349 6.22 21.85 21.35
N GLU A 350 6.46 22.89 22.13
CA GLU A 350 7.24 24.05 21.73
C GLU A 350 8.57 24.08 22.50
N ALA A 351 9.64 24.43 21.79
CA ALA A 351 10.97 24.58 22.36
C ALA A 351 11.77 25.55 21.51
N PHE A 352 12.47 26.48 22.16
CA PHE A 352 13.23 27.50 21.45
C PHE A 352 12.32 28.37 20.56
N GLY A 353 11.04 28.51 20.96
CA GLY A 353 10.05 29.34 20.22
C GLY A 353 9.38 28.67 19.03
N LEU A 354 9.74 27.41 18.77
CA LEU A 354 9.26 26.70 17.58
C LEU A 354 8.45 25.49 17.96
N ARG A 355 7.64 25.00 17.03
CA ARG A 355 6.77 23.83 17.21
C ARG A 355 7.38 22.52 16.70
N HIS A 356 7.29 21.49 17.54
CA HIS A 356 7.92 20.17 17.32
C HIS A 356 6.95 19.06 17.68
N GLU A 357 7.27 17.85 17.28
CA GLU A 357 6.50 16.71 17.70
C GLU A 357 7.31 15.44 17.72
N VAL A 358 6.86 14.56 18.58
CA VAL A 358 7.55 13.36 18.85
C VAL A 358 6.52 12.22 18.89
N ALA A 359 6.89 11.05 18.38
CA ALA A 359 6.05 9.86 18.57
C ALA A 359 6.90 8.64 18.98
N LEU A 360 6.35 7.84 19.88
CA LEU A 360 6.94 6.57 20.30
C LEU A 360 5.93 5.50 20.03
N GLY A 361 6.38 4.36 19.54
CA GLY A 361 5.46 3.31 19.17
C GLY A 361 6.07 1.93 19.16
N TRP A 362 5.18 0.95 19.10
CA TRP A 362 5.54 -0.45 19.13
C TRP A 362 4.51 -1.14 18.24
N MET A 363 5.00 -2.09 17.44
CA MET A 363 4.11 -2.90 16.62
C MET A 363 4.55 -4.33 16.59
N SER A 364 3.58 -5.18 16.39
CA SER A 364 3.82 -6.61 16.30
C SER A 364 3.08 -7.16 15.07
N ILE A 365 3.74 -8.02 14.32
CA ILE A 365 3.16 -8.66 13.12
C ILE A 365 3.42 -10.16 13.27
N ASP A 366 2.36 -10.93 13.31
CA ASP A 366 2.46 -12.35 13.67
C ASP A 366 1.65 -13.14 12.65
N ASN A 367 2.35 -13.89 11.80
CA ASN A 367 1.76 -14.56 10.68
C ASN A 367 1.92 -16.05 10.71
N HIS A 368 0.78 -16.72 10.52
CA HIS A 368 0.73 -18.15 10.54
C HIS A 368 -0.09 -18.65 9.36
N SER A 369 0.55 -19.39 8.48
CA SER A 369 -0.20 -20.02 7.44
C SER A 369 0.20 -21.48 7.35
N ASP A 370 -0.79 -22.32 7.09
CA ASP A 370 -0.50 -23.72 6.86
C ASP A 370 -1.29 -24.26 5.69
N ILE A 371 -0.63 -25.14 4.93
CA ILE A 371 -1.14 -25.68 3.67
C ILE A 371 -0.95 -27.19 3.64
N GLN A 372 -1.98 -27.89 3.20
CA GLN A 372 -1.89 -29.32 2.91
C GLN A 372 -2.27 -29.54 1.45
N ARG A 373 -1.46 -30.34 0.75
CA ARG A 373 -1.70 -30.65 -0.66
C ARG A 373 -1.93 -32.13 -0.81
N TYR A 374 -2.97 -32.50 -1.56
CA TYR A 374 -3.32 -33.89 -1.79
C TYR A 374 -3.64 -34.10 -3.27
N ALA A 375 -3.09 -35.19 -3.83
CA ALA A 375 -3.21 -35.47 -5.26
C ALA A 375 -3.21 -36.97 -5.50
N MET A 376 -4.31 -37.49 -6.06
CA MET A 376 -4.47 -38.91 -6.33
C MET A 376 -4.83 -39.19 -7.79
N THR A 410 5.34 -25.62 -4.14
CA THR A 410 5.33 -26.51 -5.32
C THR A 410 4.92 -27.95 -4.98
N LEU A 411 5.89 -28.81 -4.63
CA LEU A 411 5.67 -30.26 -4.57
C LEU A 411 5.29 -30.83 -3.18
N SER A 412 5.51 -30.05 -2.13
CA SER A 412 5.40 -30.53 -0.73
C SER A 412 3.96 -30.85 -0.33
N PRO A 413 3.75 -31.99 0.36
CA PRO A 413 2.41 -32.33 0.83
C PRO A 413 1.90 -31.44 1.99
N ALA A 414 2.81 -30.73 2.67
CA ALA A 414 2.43 -29.88 3.81
C ALA A 414 3.47 -28.81 4.23
N ASP A 415 3.03 -27.55 4.31
CA ASP A 415 3.85 -26.45 4.83
C ASP A 415 3.16 -25.82 6.04
N ASP A 416 3.96 -25.46 7.03
CA ASP A 416 3.48 -24.61 8.12
C ASP A 416 4.54 -23.56 8.38
N VAL A 417 4.17 -22.32 8.11
CA VAL A 417 5.08 -21.20 8.21
C VAL A 417 4.58 -20.23 9.27
N ARG A 418 5.47 -19.93 10.20
CA ARG A 418 5.17 -18.98 11.25
C ARG A 418 6.22 -17.90 11.29
N THR A 419 5.81 -16.67 11.01
CA THR A 419 6.70 -15.48 11.01
C THR A 419 6.19 -14.42 12.00
N LYS A 420 7.05 -14.07 12.94
CA LYS A 420 6.71 -13.10 13.98
C LYS A 420 7.72 -11.97 13.97
N GLN A 421 7.23 -10.75 14.04
CA GLN A 421 8.05 -9.57 13.95
C GLN A 421 7.56 -8.53 14.94
N THR A 422 8.49 -7.79 15.54
CA THR A 422 8.12 -6.66 16.37
C THR A 422 8.99 -5.49 15.98
N GLY A 423 8.48 -4.27 16.11
CA GLY A 423 9.31 -3.09 16.04
C GLY A 423 8.95 -2.01 17.04
N ALA A 424 9.95 -1.43 17.68
CA ALA A 424 9.79 -0.27 18.55
C ALA A 424 10.40 0.95 17.84
N TYR A 425 9.65 2.05 17.78
CA TYR A 425 10.13 3.23 17.07
C TYR A 425 10.01 4.51 17.89
N LEU A 426 10.93 5.43 17.61
CA LEU A 426 10.82 6.83 18.00
C LEU A 426 10.98 7.69 16.77
N VAL A 427 10.05 8.64 16.58
CA VAL A 427 10.05 9.59 15.46
C VAL A 427 9.88 11.01 16.04
N GLY A 428 10.72 11.93 15.59
CA GLY A 428 10.58 13.32 15.93
C GLY A 428 10.59 14.17 14.68
N ARG A 429 9.78 15.24 14.71
CA ARG A 429 9.84 16.27 13.71
C ARG A 429 10.10 17.58 14.41
N PHE A 430 11.27 18.14 14.12
CA PHE A 430 11.81 19.27 14.81
C PHE A 430 12.02 20.43 13.85
N ALA A 431 11.47 21.58 14.23
CA ALA A 431 11.73 22.86 13.52
C ALA A 431 13.03 23.44 14.00
N LEU A 432 14.03 23.51 13.12
CA LEU A 432 15.30 24.17 13.44
C LEU A 432 15.16 25.66 13.13
N ALA A 433 14.18 25.99 12.31
CA ALA A 433 13.73 27.36 12.09
C ALA A 433 12.32 27.21 11.59
N GLU A 434 11.64 28.32 11.36
CA GLU A 434 10.25 28.27 10.86
C GLU A 434 10.11 27.51 9.51
N PRO A 435 10.96 27.81 8.50
CA PRO A 435 10.84 27.07 7.23
C PRO A 435 11.56 25.70 7.18
N LEU A 436 12.23 25.33 8.25
CA LEU A 436 13.21 24.25 8.15
C LEU A 436 12.95 23.13 9.21
N HIS A 437 12.60 21.94 8.71
CA HIS A 437 12.29 20.82 9.55
C HIS A 437 13.24 19.64 9.35
N LEU A 438 13.53 18.99 10.48
CA LEU A 438 14.30 17.79 10.52
C LEU A 438 13.44 16.66 11.07
N ILE A 439 13.29 15.58 10.30
CA ILE A 439 12.62 14.40 10.77
C ILE A 439 13.70 13.35 11.06
N VAL A 440 13.71 12.89 12.32
CA VAL A 440 14.57 11.80 12.76
C VAL A 440 13.76 10.65 13.35
N GLY A 441 14.02 9.43 12.87
CA GLY A 441 13.41 8.22 13.37
C GLY A 441 14.42 7.12 13.64
N ASP A 442 14.11 6.36 14.69
CA ASP A 442 14.77 5.12 15.06
C ASP A 442 13.73 3.99 15.16
N ARG A 443 14.06 2.86 14.55
CA ARG A 443 13.28 1.65 14.75
C ARG A 443 14.23 0.52 15.06
N TRP A 444 13.91 -0.22 16.12
CA TRP A 444 14.59 -1.45 16.49
C TRP A 444 13.66 -2.64 16.18
N SER A 445 14.11 -3.61 15.42
CA SER A 445 13.20 -4.69 15.00
C SER A 445 13.75 -6.05 15.32
N ASP A 446 12.84 -6.95 15.67
CA ASP A 446 13.15 -8.37 15.89
C ASP A 446 12.30 -9.16 14.91
N TRP A 447 12.82 -10.29 14.45
CA TRP A 447 12.18 -11.04 13.39
C TRP A 447 12.59 -12.48 13.56
N LYS A 448 11.60 -13.37 13.54
CA LYS A 448 11.90 -14.79 13.54
C LYS A 448 10.90 -15.58 12.70
N THR A 449 11.38 -16.73 12.26
CA THR A 449 10.61 -17.59 11.41
C THR A 449 10.77 -19.04 11.82
N LYS A 450 9.71 -19.79 11.60
CA LYS A 450 9.68 -21.20 11.92
C LYS A 450 8.89 -21.81 10.78
N GLN A 451 9.56 -22.58 9.95
CA GLN A 451 8.92 -23.13 8.76
C GLN A 451 9.04 -24.65 8.71
N MET A 452 7.93 -25.33 8.55
CA MET A 452 7.95 -26.78 8.55
C MET A 452 7.50 -27.33 7.22
N TYR A 453 8.34 -28.20 6.68
CA TYR A 453 8.05 -28.90 5.43
C TYR A 453 8.17 -30.40 5.63
N PHE A 454 7.81 -31.14 4.60
CA PHE A 454 8.02 -32.58 4.57
C PHE A 454 9.52 -32.85 4.53
N GLY A 455 10.04 -33.42 5.61
CA GLY A 455 11.46 -33.76 5.72
C GLY A 455 12.43 -32.70 6.21
N SER A 456 11.94 -31.47 6.44
CA SER A 456 12.82 -30.37 6.87
C SER A 456 12.09 -29.28 7.68
N ARG A 457 12.86 -28.26 8.07
CA ARG A 457 12.49 -27.30 9.12
C ARG A 457 13.35 -26.05 8.99
N ARG A 458 12.82 -25.01 8.37
CA ARG A 458 13.55 -23.73 8.23
C ARG A 458 13.25 -22.82 9.44
N GLU A 459 14.23 -22.68 10.33
CA GLU A 459 14.02 -21.98 11.59
C GLU A 459 15.17 -21.04 11.94
N TYR A 460 14.87 -19.75 12.05
CA TYR A 460 15.88 -18.76 12.46
C TYR A 460 15.32 -17.39 12.90
N ARG A 461 16.09 -16.73 13.76
CA ARG A 461 15.83 -15.35 14.12
C ARG A 461 16.99 -14.45 13.72
N ILE A 462 16.70 -13.18 13.51
CA ILE A 462 17.80 -12.25 13.27
C ILE A 462 18.09 -11.42 14.54
N LYS A 463 19.36 -11.11 14.77
CA LYS A 463 19.74 -10.14 15.83
C LYS A 463 18.99 -8.79 15.69
N ASN A 464 18.67 -8.17 16.82
CA ASN A 464 17.97 -6.90 16.87
C ASN A 464 18.47 -5.86 15.83
N GLN A 465 17.58 -5.45 14.94
CA GLN A 465 17.95 -4.60 13.81
C GLN A 465 17.70 -3.15 14.12
N PHE A 466 18.65 -2.29 13.77
CA PHE A 466 18.42 -0.85 13.84
C PHE A 466 18.13 -0.30 12.44
N THR A 467 17.04 0.47 12.34
CA THR A 467 16.70 1.18 11.14
C THR A 467 16.58 2.69 11.40
N PRO A 468 17.41 3.50 10.70
CA PRO A 468 17.38 4.95 10.85
C PRO A 468 16.51 5.67 9.81
N TYR A 469 16.16 6.92 10.14
CA TYR A 469 15.48 7.84 9.25
C TYR A 469 15.97 9.24 9.54
N ALA A 470 16.42 9.94 8.48
CA ALA A 470 16.79 11.34 8.57
C ALA A 470 16.29 12.06 7.32
N GLY A 471 15.40 13.02 7.50
CA GLY A 471 14.83 13.79 6.39
C GLY A 471 14.93 15.26 6.73
N LEU A 472 15.20 16.07 5.72
CA LEU A 472 15.29 17.50 5.92
C LEU A 472 14.42 18.16 4.91
N THR A 473 13.59 19.11 5.34
CA THR A 473 12.71 19.88 4.44
C THR A 473 12.91 21.36 4.64
N TYR A 474 13.05 22.06 3.52
CA TYR A 474 13.22 23.50 3.55
C TYR A 474 12.18 24.21 2.68
N ASP A 475 11.28 24.97 3.33
CA ASP A 475 10.25 25.75 2.60
C ASP A 475 10.88 26.99 2.03
N ILE A 476 11.07 26.97 0.73
CA ILE A 476 11.71 28.07 -0.02
C ILE A 476 10.83 29.34 -0.07
N ASN A 477 9.56 29.17 -0.37
CA ASN A 477 8.59 30.25 -0.33
C ASN A 477 7.21 29.65 -0.07
N ASP A 478 6.14 30.36 -0.45
CA ASP A 478 4.76 29.91 -0.33
C ASP A 478 4.48 28.58 -1.01
N THR A 479 5.10 28.41 -2.18
CA THR A 479 4.88 27.29 -3.10
C THR A 479 5.88 26.13 -2.91
N TYR A 480 7.17 26.44 -2.94
CA TYR A 480 8.24 25.43 -3.07
C TYR A 480 8.88 24.94 -1.76
N THR A 481 9.21 23.65 -1.74
CA THR A 481 9.95 23.04 -0.67
C THR A 481 11.00 22.10 -1.28
N ALA A 482 12.24 22.20 -0.80
CA ALA A 482 13.32 21.28 -1.16
C ALA A 482 13.49 20.27 -0.01
N TYR A 483 13.99 19.06 -0.31
CA TYR A 483 14.17 18.03 0.72
C TYR A 483 15.26 17.03 0.36
N ALA A 484 15.80 16.36 1.37
CA ALA A 484 16.73 15.25 1.17
C ALA A 484 16.41 14.27 2.27
N SER A 485 16.55 12.97 1.97
CA SER A 485 16.37 11.98 3.02
C SER A 485 17.32 10.79 2.91
N TYR A 486 17.53 10.17 4.06
CA TYR A 486 18.18 8.90 4.13
C TYR A 486 17.34 7.97 5.02
N THR A 487 17.07 6.78 4.51
CA THR A 487 16.50 5.71 5.30
C THR A 487 16.81 4.33 4.74
N GLU A 488 16.35 3.33 5.51
CA GLU A 488 16.68 1.93 5.26
C GLU A 488 15.46 1.01 5.38
N ILE A 489 15.67 -0.22 4.89
CA ILE A 489 14.79 -1.35 5.15
C ILE A 489 15.63 -2.64 5.03
N PHE A 490 15.36 -3.63 5.88
CA PHE A 490 16.14 -4.86 5.88
C PHE A 490 15.26 -6.06 5.43
N GLN A 491 15.88 -7.11 4.90
CA GLN A 491 15.13 -8.26 4.47
C GLN A 491 15.84 -9.53 4.92
N PRO A 492 15.24 -10.28 5.86
CA PRO A 492 15.96 -11.51 6.26
C PRO A 492 16.14 -12.46 5.07
N GLN A 493 17.22 -13.23 5.10
CA GLN A 493 17.50 -14.22 4.11
C GLN A 493 17.90 -15.53 4.77
N ASN A 494 17.49 -16.63 4.15
CA ASN A 494 17.83 -17.96 4.63
C ASN A 494 19.20 -18.37 4.08
N ALA A 495 20.25 -17.92 4.74
CA ALA A 495 21.63 -18.14 4.32
C ALA A 495 22.46 -18.22 5.56
N ARG A 496 23.44 -19.13 5.56
CA ARG A 496 24.22 -19.40 6.75
C ARG A 496 25.73 -19.33 6.54
N ASP A 497 26.40 -18.91 7.61
CA ASP A 497 27.86 -18.94 7.75
C ASP A 497 28.53 -20.25 7.36
N THR A 498 29.86 -20.19 7.37
CA THR A 498 30.70 -21.36 7.31
C THR A 498 30.67 -22.09 8.67
N SER A 499 30.31 -21.36 9.72
CA SER A 499 30.11 -21.92 11.07
C SER A 499 28.70 -22.46 11.26
N GLY A 500 27.78 -22.06 10.38
CA GLY A 500 26.39 -22.52 10.46
C GLY A 500 25.45 -21.44 10.95
N GLY A 501 26.03 -20.30 11.37
CA GLY A 501 25.25 -19.17 11.87
C GLY A 501 24.51 -18.38 10.79
N ILE A 502 23.39 -17.79 11.18
CA ILE A 502 22.57 -17.01 10.27
C ILE A 502 23.29 -15.72 9.80
N LEU A 503 23.24 -15.45 8.50
CA LEU A 503 23.71 -14.17 7.98
C LEU A 503 22.84 -13.01 8.48
N PRO A 504 23.46 -11.81 8.67
CA PRO A 504 22.67 -10.57 8.74
C PRO A 504 21.67 -10.45 7.57
N PRO A 505 20.53 -9.76 7.78
CA PRO A 505 19.53 -9.56 6.72
C PRO A 505 20.11 -8.70 5.60
N ILE A 506 19.46 -8.71 4.44
CA ILE A 506 19.82 -7.76 3.38
C ILE A 506 19.47 -6.35 3.90
N LYS A 507 20.39 -5.39 3.67
CA LYS A 507 20.18 -4.02 4.13
C LYS A 507 20.10 -3.06 2.94
N SER A 508 18.91 -2.51 2.74
CA SER A 508 18.65 -1.54 1.70
C SER A 508 18.85 -0.10 2.20
N LYS A 509 19.62 0.69 1.47
CA LYS A 509 20.06 1.99 1.95
C LYS A 509 19.68 3.01 0.92
N SER A 510 18.74 3.89 1.26
CA SER A 510 18.06 4.79 0.31
C SER A 510 18.30 6.27 0.54
N TYR A 511 18.88 6.90 -0.48
CA TYR A 511 19.16 8.32 -0.50
C TYR A 511 18.25 8.97 -1.51
N GLU A 512 17.74 10.16 -1.17
CA GLU A 512 16.86 10.85 -2.08
C GLU A 512 16.99 12.36 -1.85
N LEU A 513 16.97 13.13 -2.94
CA LEU A 513 16.86 14.58 -2.83
C LEU A 513 15.74 15.00 -3.76
N GLY A 514 15.20 16.20 -3.58
CA GLY A 514 14.05 16.53 -4.38
C GLY A 514 13.50 17.92 -4.17
N LEU A 515 12.51 18.26 -4.98
CA LEU A 515 11.87 19.55 -4.98
C LEU A 515 10.39 19.31 -5.09
N LYS A 516 9.63 19.93 -4.20
CA LYS A 516 8.18 19.89 -4.24
C LYS A 516 7.55 21.27 -4.40
N ALA A 517 6.36 21.29 -4.98
CA ALA A 517 5.57 22.50 -5.16
C ALA A 517 4.14 22.16 -4.81
N ALA A 518 3.50 23.09 -4.13
CA ALA A 518 2.09 23.04 -3.80
C ALA A 518 1.48 24.30 -4.37
N TYR A 519 0.98 24.23 -5.59
CA TYR A 519 0.32 25.39 -6.19
C TYR A 519 -1.10 25.58 -5.69
N LEU A 520 -1.59 26.82 -5.80
CA LEU A 520 -2.97 27.17 -5.48
C LEU A 520 -3.39 26.55 -4.15
N GLU A 521 -2.65 26.89 -3.10
CA GLU A 521 -2.93 26.45 -1.71
C GLU A 521 -2.90 24.95 -1.48
N GLY A 522 -2.23 24.20 -2.35
CA GLY A 522 -2.18 22.76 -2.21
C GLY A 522 -3.21 22.03 -3.05
N ARG A 523 -3.85 22.74 -3.99
CA ARG A 523 -4.78 22.12 -4.96
C ARG A 523 -4.06 21.32 -6.05
N LEU A 524 -2.82 21.74 -6.33
CA LEU A 524 -1.97 21.10 -7.33
C LEU A 524 -0.59 20.82 -6.73
N ASN A 525 -0.29 19.55 -6.49
CA ASN A 525 0.97 19.12 -5.92
C ASN A 525 1.87 18.55 -6.98
N THR A 526 3.13 18.85 -6.83
CA THR A 526 4.12 18.49 -7.80
C THR A 526 5.38 18.05 -7.08
N SER A 527 6.18 17.18 -7.74
CA SER A 527 7.40 16.62 -7.17
C SER A 527 8.43 16.09 -8.19
N ALA A 528 9.71 16.39 -7.96
CA ALA A 528 10.79 15.94 -8.80
C ALA A 528 11.86 15.43 -7.85
N ALA A 529 12.24 14.17 -7.95
CA ALA A 529 13.16 13.60 -7.00
C ALA A 529 14.21 12.77 -7.72
N LEU A 530 15.44 12.85 -7.21
CA LEU A 530 16.53 11.95 -7.59
C LEU A 530 16.70 10.92 -6.46
N PHE A 531 16.73 9.63 -6.78
CA PHE A 531 16.91 8.61 -5.76
C PHE A 531 18.08 7.67 -6.07
N GLN A 532 18.74 7.19 -5.02
CA GLN A 532 19.74 6.15 -5.15
C GLN A 532 19.55 5.16 -3.99
N THR A 533 19.39 3.87 -4.35
CA THR A 533 19.31 2.78 -3.36
C THR A 533 20.34 1.73 -3.63
N ARG A 534 20.98 1.25 -2.58
CA ARG A 534 21.83 0.04 -2.67
C ARG A 534 21.45 -1.02 -1.62
N GLN A 535 21.67 -2.26 -2.00
CA GLN A 535 21.52 -3.37 -1.10
C GLN A 535 22.87 -3.86 -0.68
N ASP A 536 23.10 -3.84 0.63
CA ASP A 536 24.32 -4.38 1.19
C ASP A 536 24.01 -5.72 1.90
N ASN A 537 25.05 -6.51 2.15
CA ASN A 537 24.97 -7.80 2.89
C ASN A 537 24.10 -8.85 2.21
N LEU A 538 24.10 -8.84 0.89
CA LEU A 538 23.43 -9.87 0.12
C LEU A 538 24.25 -11.15 0.21
N ALA A 539 23.58 -12.23 0.62
CA ALA A 539 24.20 -13.57 0.67
C ALA A 539 24.74 -13.96 -0.69
N GLN A 540 25.99 -14.42 -0.69
CA GLN A 540 26.66 -14.89 -1.89
C GLN A 540 27.10 -16.31 -1.61
N VAL A 541 26.51 -17.25 -2.34
CA VAL A 541 26.88 -18.68 -2.25
C VAL A 541 28.40 -18.83 -2.41
N ILE A 542 29.05 -19.35 -1.37
CA ILE A 542 30.51 -19.52 -1.37
C ILE A 542 30.92 -20.63 -2.35
N PRO A 543 31.63 -20.22 -3.41
CA PRO A 543 32.11 -21.07 -4.51
C PRO A 543 31.38 -22.42 -4.65
N GLY A 544 32.15 -23.51 -4.55
CA GLY A 544 31.61 -24.86 -4.52
C GLY A 544 31.80 -25.48 -3.15
N SER A 545 32.20 -24.66 -2.19
CA SER A 545 32.38 -25.11 -0.81
C SER A 545 31.11 -24.95 0.03
N SER A 546 30.74 -26.03 0.71
CA SER A 546 29.59 -26.07 1.61
C SER A 546 30.03 -26.17 3.08
N ILE A 547 29.05 -26.26 3.98
CA ILE A 547 29.29 -26.42 5.41
C ILE A 547 28.03 -27.08 6.01
N PRO A 548 27.56 -28.10 5.30
CA PRO A 548 26.30 -28.77 5.61
C PRO A 548 26.51 -30.11 6.35
N GLY A 549 27.68 -30.25 6.97
CA GLY A 549 27.85 -31.20 8.07
C GLY A 549 27.05 -30.68 9.25
N PHE A 550 26.94 -29.35 9.36
CA PHE A 550 26.06 -28.69 10.32
C PHE A 550 24.59 -29.10 10.09
N PRO A 551 24.06 -28.77 8.91
CA PRO A 551 22.72 -29.23 8.48
C PRO A 551 22.37 -28.79 7.04
N ASN A 552 21.89 -29.75 6.24
CA ASN A 552 21.32 -29.49 4.88
C ASN A 552 22.34 -29.42 3.70
N MET A 553 22.42 -28.26 3.02
CA MET A 553 23.38 -28.04 1.92
C MET A 553 23.77 -26.56 1.62
N GLN A 554 25.08 -26.27 1.70
CA GLN A 554 25.74 -25.04 1.15
C GLN A 554 25.74 -23.75 1.99
N ALA A 555 26.86 -23.03 1.95
CA ALA A 555 27.07 -21.81 2.73
C ALA A 555 27.27 -20.52 1.89
N SER A 556 27.17 -19.38 2.56
CA SER A 556 27.28 -18.06 1.93
C SER A 556 28.13 -17.10 2.75
N ARG A 557 28.60 -16.03 2.10
CA ARG A 557 29.08 -14.83 2.78
C ARG A 557 28.28 -13.59 2.35
N ALA A 558 28.31 -12.57 3.19
CA ALA A 558 27.64 -11.30 2.93
C ALA A 558 28.43 -10.54 1.88
N ALA A 559 27.76 -10.17 0.78
CA ALA A 559 28.38 -9.36 -0.28
C ALA A 559 27.48 -8.18 -0.61
N SER A 560 28.01 -7.24 -1.39
CA SER A 560 27.21 -6.11 -1.82
C SER A 560 26.27 -6.56 -2.93
N GLY A 561 25.10 -5.93 -2.98
CA GLY A 561 24.04 -6.28 -3.91
C GLY A 561 23.86 -5.23 -5.01
N ALA A 562 22.65 -5.17 -5.55
CA ALA A 562 22.29 -4.27 -6.63
C ALA A 562 22.22 -2.80 -6.15
N LYS A 563 22.44 -1.90 -7.10
CA LYS A 563 22.28 -0.46 -6.94
C LYS A 563 21.22 -0.01 -7.92
N VAL A 564 20.32 0.84 -7.47
CA VAL A 564 19.32 1.45 -8.34
C VAL A 564 19.46 2.96 -8.20
N GLU A 565 19.51 3.64 -9.33
CA GLU A 565 19.40 5.08 -9.32
C GLU A 565 18.44 5.54 -10.40
N GLY A 566 17.64 6.56 -10.09
CA GLY A 566 16.79 7.18 -11.09
C GLY A 566 16.04 8.42 -10.67
N ILE A 567 14.99 8.76 -11.43
CA ILE A 567 14.19 9.96 -11.21
C ILE A 567 12.72 9.65 -11.08
N ASP A 568 12.00 10.52 -10.38
CA ASP A 568 10.66 10.23 -9.97
C ASP A 568 9.94 11.56 -10.08
N LEU A 569 9.06 11.70 -11.05
CA LEU A 569 8.35 12.96 -11.25
C LEU A 569 6.85 12.76 -11.13
N GLU A 570 6.18 13.73 -10.50
CA GLU A 570 4.74 13.65 -10.28
C GLU A 570 4.08 15.04 -10.30
N ALA A 571 2.83 15.05 -10.74
CA ALA A 571 1.94 16.19 -10.69
C ALA A 571 0.55 15.66 -10.48
N SER A 572 -0.14 16.15 -9.46
CA SER A 572 -1.48 15.67 -9.15
C SER A 572 -2.31 16.77 -8.52
N GLY A 573 -3.55 16.91 -8.98
CA GLY A 573 -4.45 17.92 -8.48
C GLY A 573 -5.15 18.64 -9.63
N GLN A 574 -5.48 19.89 -9.38
CA GLN A 574 -6.37 20.66 -10.22
C GLN A 574 -5.55 21.74 -10.93
N ILE A 575 -5.45 21.65 -12.26
CA ILE A 575 -4.77 22.71 -13.05
C ILE A 575 -5.61 23.99 -13.13
N LEU A 576 -6.87 23.84 -13.48
CA LEU A 576 -7.83 24.95 -13.50
C LEU A 576 -9.09 24.37 -12.86
N PRO A 577 -10.07 25.22 -12.49
CA PRO A 577 -11.36 24.65 -12.06
C PRO A 577 -11.94 23.71 -13.12
N ASP A 578 -12.55 22.62 -12.68
CA ASP A 578 -13.14 21.60 -13.58
C ASP A 578 -12.10 20.70 -14.25
N TRP A 579 -10.81 20.92 -13.98
CA TRP A 579 -9.74 20.16 -14.64
C TRP A 579 -8.76 19.46 -13.67
N ASN A 580 -8.93 18.15 -13.53
CA ASN A 580 -8.09 17.31 -12.69
C ASN A 580 -7.09 16.52 -13.50
N ILE A 581 -5.93 16.30 -12.89
CA ILE A 581 -4.85 15.52 -13.47
C ILE A 581 -4.10 14.75 -12.39
N GLY A 582 -3.58 13.60 -12.79
CA GLY A 582 -2.65 12.80 -12.03
C GLY A 582 -1.65 12.31 -13.07
N ALA A 583 -0.39 12.74 -12.96
CA ALA A 583 0.59 12.40 -13.97
C ALA A 583 1.89 12.05 -13.28
N SER A 584 2.63 11.09 -13.84
CA SER A 584 3.89 10.69 -13.24
C SER A 584 4.85 10.07 -14.25
N TYR A 585 6.14 10.22 -13.97
CA TYR A 585 7.16 9.60 -14.78
C TYR A 585 8.31 9.11 -13.91
N THR A 586 8.78 7.89 -14.21
CA THR A 586 9.89 7.28 -13.47
C THR A 586 10.86 6.64 -14.42
N HIS A 587 12.14 6.88 -14.18
CA HIS A 587 13.15 6.14 -14.91
C HIS A 587 14.26 5.74 -13.98
N PHE A 588 14.73 4.51 -14.09
CA PHE A 588 15.85 4.11 -13.27
C PHE A 588 16.76 3.13 -13.97
N THR A 589 17.99 3.06 -13.45
CA THR A 589 19.06 2.20 -13.92
C THR A 589 19.46 1.25 -12.78
N THR A 590 19.56 -0.05 -13.09
CA THR A 590 20.06 -1.05 -12.13
C THR A 590 21.48 -1.53 -12.47
N LYS A 591 22.33 -1.65 -11.46
CA LYS A 591 23.71 -2.09 -11.61
C LYS A 591 24.13 -3.00 -10.46
N ASP A 592 25.24 -3.73 -10.64
CA ASP A 592 25.80 -4.50 -9.54
C ASP A 592 26.77 -3.68 -8.70
N ALA A 593 27.19 -4.29 -7.58
CA ALA A 593 28.03 -3.66 -6.59
C ALA A 593 29.32 -3.07 -7.20
N SER A 594 29.84 -3.71 -8.24
CA SER A 594 31.04 -3.20 -8.93
C SER A 594 30.75 -2.40 -10.22
N GLY A 595 29.47 -2.08 -10.45
CA GLY A 595 29.09 -1.02 -11.37
C GLY A 595 28.75 -1.32 -12.82
N ASN A 596 28.59 -2.58 -13.20
CA ASN A 596 28.08 -2.85 -14.55
C ASN A 596 26.60 -3.18 -14.60
N PRO A 597 25.96 -2.91 -15.75
CA PRO A 597 24.50 -3.03 -15.81
C PRO A 597 24.05 -4.44 -15.51
N ILE A 598 22.95 -4.56 -14.78
CA ILE A 598 22.29 -5.84 -14.64
C ILE A 598 20.89 -5.76 -15.22
N ASN A 599 20.53 -6.78 -15.98
CA ASN A 599 19.20 -6.94 -16.53
C ASN A 599 18.19 -7.22 -15.43
N THR A 600 17.01 -6.62 -15.56
CA THR A 600 15.88 -6.90 -14.68
C THR A 600 14.63 -7.13 -15.53
N ASN A 601 13.64 -7.77 -14.92
CA ASN A 601 12.36 -7.97 -15.57
C ASN A 601 11.56 -6.66 -15.50
N HIS A 602 11.67 -5.97 -14.38
CA HIS A 602 10.94 -4.70 -14.13
C HIS A 602 11.18 -3.63 -15.21
N PRO A 603 10.12 -2.89 -15.59
CA PRO A 603 10.24 -1.71 -16.47
C PRO A 603 11.07 -0.55 -15.85
N ARG A 604 11.97 -0.01 -16.65
CA ARG A 604 12.85 1.07 -16.21
C ARG A 604 12.32 2.47 -16.56
N SER A 605 11.34 2.54 -17.44
CA SER A 605 10.66 3.78 -17.76
C SER A 605 9.16 3.59 -17.71
N LEU A 606 8.52 4.45 -16.93
CA LEU A 606 7.08 4.41 -16.80
C LEU A 606 6.53 5.82 -16.91
N PHE A 607 5.49 5.99 -17.71
CA PHE A 607 4.76 7.23 -17.79
C PHE A 607 3.27 6.96 -17.54
N LYS A 608 2.68 7.73 -16.63
CA LYS A 608 1.24 7.67 -16.42
C LYS A 608 0.60 9.02 -16.42
N LEU A 609 -0.59 9.08 -17.00
CA LEU A 609 -1.37 10.30 -16.97
C LEU A 609 -2.82 9.90 -17.03
N TYR A 610 -3.61 10.53 -16.17
CA TYR A 610 -5.06 10.43 -16.20
C TYR A 610 -5.64 11.83 -15.93
N THR A 611 -6.58 12.26 -16.76
CA THR A 611 -7.12 13.61 -16.61
C THR A 611 -8.65 13.58 -16.81
N THR A 612 -9.39 14.40 -16.06
CA THR A 612 -10.81 14.66 -16.34
C THR A 612 -11.06 16.15 -16.50
N TYR A 613 -12.09 16.47 -17.29
CA TYR A 613 -12.48 17.86 -17.55
C TYR A 613 -14.00 17.97 -17.66
N ARG A 614 -14.60 18.72 -16.75
CA ARG A 614 -16.03 19.00 -16.83
C ARG A 614 -16.23 20.10 -17.84
N LEU A 615 -17.11 19.87 -18.81
CA LEU A 615 -17.39 20.83 -19.89
C LEU A 615 -17.99 22.15 -19.37
N PRO A 616 -17.63 23.28 -20.02
CA PRO A 616 -17.76 24.62 -19.40
C PRO A 616 -19.18 25.21 -19.18
N GLY A 617 -20.10 25.04 -20.13
CA GLY A 617 -21.31 25.86 -20.10
C GLY A 617 -22.62 25.12 -20.17
N ALA A 618 -23.12 24.99 -21.40
CA ALA A 618 -24.33 24.23 -21.69
C ALA A 618 -24.04 22.73 -21.57
N LEU A 619 -22.76 22.38 -21.59
CA LEU A 619 -22.36 20.96 -21.51
C LEU A 619 -21.91 20.55 -20.12
N HIS A 620 -22.11 21.43 -19.14
CA HIS A 620 -21.59 21.27 -17.75
C HIS A 620 -22.00 20.00 -16.98
N ARG A 621 -23.00 19.27 -17.47
CA ARG A 621 -23.37 17.99 -16.87
C ARG A 621 -22.44 16.86 -17.35
N LEU A 622 -21.60 17.18 -18.32
CA LEU A 622 -20.69 16.24 -18.96
C LEU A 622 -19.24 16.48 -18.53
N THR A 623 -18.61 15.42 -18.06
CA THR A 623 -17.19 15.37 -17.78
C THR A 623 -16.63 14.35 -18.74
N VAL A 624 -15.51 14.66 -19.37
CA VAL A 624 -14.82 13.70 -20.23
C VAL A 624 -13.39 13.55 -19.71
N GLY A 625 -12.81 12.37 -19.89
CA GLY A 625 -11.46 12.16 -19.48
C GLY A 625 -10.82 10.94 -20.06
N GLY A 626 -9.60 10.69 -19.64
CA GLY A 626 -8.88 9.54 -20.13
C GLY A 626 -7.40 9.59 -19.84
N GLY A 627 -6.70 8.56 -20.28
CA GLY A 627 -5.30 8.50 -19.94
C GLY A 627 -4.49 7.42 -20.60
N VAL A 628 -3.23 7.36 -20.14
CA VAL A 628 -2.25 6.40 -20.61
C VAL A 628 -1.44 5.86 -19.46
N ASP A 629 -1.18 4.56 -19.51
CA ASP A 629 -0.24 3.92 -18.62
C ASP A 629 0.79 3.24 -19.51
N TRP A 630 1.98 3.84 -19.60
CA TRP A 630 2.99 3.48 -20.59
C TRP A 630 4.29 3.03 -19.93
N GLN A 631 4.50 1.71 -19.88
CA GLN A 631 5.71 1.11 -19.31
C GLN A 631 6.63 0.60 -20.42
N SER A 632 7.93 0.65 -20.17
CA SER A 632 8.92 0.26 -21.15
C SER A 632 10.13 -0.37 -20.48
N ARG A 633 10.44 -1.60 -20.87
CA ARG A 633 11.70 -2.25 -20.47
C ARG A 633 12.81 -1.95 -21.50
N MET A 634 13.75 -1.06 -21.13
CA MET A 634 14.85 -0.67 -22.05
C MET A 634 16.11 -1.51 -21.82
N GLN A 649 14.08 -2.50 -25.90
CA GLN A 649 13.36 -3.75 -26.12
C GLN A 649 11.89 -3.52 -26.51
N ASP A 650 11.00 -3.47 -25.51
CA ASP A 650 9.56 -3.49 -25.74
C ASP A 650 8.79 -2.36 -25.04
N SER A 651 7.46 -2.48 -25.07
CA SER A 651 6.56 -1.42 -24.65
C SER A 651 5.16 -1.99 -24.42
N TYR A 652 4.47 -1.48 -23.41
CA TYR A 652 3.03 -1.68 -23.30
C TYR A 652 2.34 -0.36 -22.95
N ALA A 653 1.23 -0.07 -23.60
CA ALA A 653 0.44 1.10 -23.24
C ALA A 653 -1.05 0.77 -23.04
N LEU A 654 -1.53 0.93 -21.82
CA LEU A 654 -2.95 0.96 -21.53
C LEU A 654 -3.45 2.37 -21.82
N VAL A 655 -4.34 2.47 -22.79
CA VAL A 655 -4.99 3.73 -23.12
C VAL A 655 -6.42 3.59 -22.63
N SER A 656 -6.94 4.65 -22.04
CA SER A 656 -8.27 4.61 -21.52
C SER A 656 -9.01 5.96 -21.64
N LEU A 657 -10.34 5.87 -21.65
CA LEU A 657 -11.27 7.00 -21.84
C LEU A 657 -12.46 6.85 -20.90
N MET A 658 -13.03 7.98 -20.49
CA MET A 658 -14.24 7.98 -19.67
C MET A 658 -15.11 9.17 -20.03
N ALA A 659 -16.41 9.05 -19.75
CA ALA A 659 -17.35 10.17 -19.73
C ALA A 659 -18.33 10.00 -18.55
N ARG A 660 -18.70 11.09 -17.91
CA ARG A 660 -19.71 11.07 -16.84
C ARG A 660 -20.86 12.03 -17.19
N PHE A 661 -22.10 11.59 -16.93
CA PHE A 661 -23.25 12.48 -17.01
C PHE A 661 -23.89 12.64 -15.66
N ASP A 662 -23.98 13.90 -15.24
CA ASP A 662 -24.64 14.22 -13.98
C ASP A 662 -26.08 14.57 -14.29
N PHE A 663 -26.97 13.61 -14.08
CA PHE A 663 -28.41 13.82 -14.28
C PHE A 663 -28.89 14.93 -13.34
N ASN A 664 -28.53 14.80 -12.07
CA ASN A 664 -28.67 15.84 -11.06
C ASN A 664 -27.49 15.75 -10.10
N LYS A 665 -27.59 16.40 -8.94
CA LYS A 665 -26.52 16.43 -7.96
C LYS A 665 -26.28 15.08 -7.26
N LYS A 666 -27.26 14.20 -7.33
CA LYS A 666 -27.24 12.95 -6.55
C LYS A 666 -27.23 11.67 -7.40
N LEU A 667 -27.05 11.82 -8.71
CA LEU A 667 -27.22 10.72 -9.64
C LEU A 667 -26.44 10.98 -10.93
N SER A 668 -25.50 10.08 -11.25
CA SER A 668 -24.68 10.17 -12.45
C SER A 668 -24.42 8.80 -13.05
N ALA A 669 -24.11 8.78 -14.35
CA ALA A 669 -23.75 7.59 -15.10
C ALA A 669 -22.32 7.80 -15.57
N THR A 670 -21.50 6.77 -15.50
CA THR A 670 -20.09 6.84 -15.93
C THR A 670 -19.81 5.73 -16.92
N LEU A 671 -19.13 6.08 -18.00
CA LEU A 671 -18.68 5.11 -18.98
C LEU A 671 -17.15 5.07 -19.01
N ASN A 672 -16.58 3.88 -18.82
CA ASN A 672 -15.14 3.65 -18.99
C ASN A 672 -14.84 2.72 -20.16
N VAL A 673 -13.89 3.14 -20.99
CA VAL A 673 -13.30 2.31 -22.04
C VAL A 673 -11.77 2.19 -21.87
N ASN A 674 -11.29 0.94 -21.77
CA ASN A 674 -9.88 0.62 -21.63
C ASN A 674 -9.43 -0.17 -22.85
N ASN A 675 -8.18 -0.03 -23.28
CA ASN A 675 -7.74 -0.70 -24.52
C ASN A 675 -6.60 -1.74 -24.50
N LEU A 676 -5.41 -1.38 -24.03
CA LEU A 676 -4.26 -2.32 -24.07
C LEU A 676 -3.83 -2.75 -25.48
N ARG A 697 -11.23 -3.96 -26.78
CA ARG A 697 -11.66 -2.99 -25.78
C ARG A 697 -12.10 -3.66 -24.45
N ASN A 698 -12.52 -2.83 -23.51
CA ASN A 698 -13.14 -3.28 -22.30
C ASN A 698 -13.99 -2.08 -21.91
N VAL A 699 -15.28 -2.34 -21.67
CA VAL A 699 -16.27 -1.29 -21.51
C VAL A 699 -17.02 -1.52 -20.21
N MET A 700 -17.08 -0.48 -19.38
CA MET A 700 -17.85 -0.50 -18.14
C MET A 700 -18.82 0.68 -18.08
N LEU A 701 -20.05 0.41 -17.65
CA LEU A 701 -21.04 1.43 -17.40
C LEU A 701 -21.48 1.36 -15.96
N ASN A 702 -21.45 2.50 -15.28
CA ASN A 702 -21.82 2.58 -13.87
C ASN A 702 -22.87 3.67 -13.64
N LEU A 703 -23.84 3.36 -12.76
CA LEU A 703 -24.73 4.36 -12.18
C LEU A 703 -24.37 4.58 -10.73
N ARG A 704 -24.26 5.83 -10.34
CA ARG A 704 -24.04 6.15 -8.95
C ARG A 704 -25.24 6.91 -8.43
N ALA A 705 -25.77 6.46 -7.29
CA ALA A 705 -26.88 7.17 -6.64
C ALA A 705 -26.54 7.43 -5.19
N GLN A 706 -26.80 8.65 -4.73
CA GLN A 706 -26.55 8.97 -3.32
C GLN A 706 -27.74 9.65 -2.70
N TYR A 707 -27.85 9.50 -1.39
CA TYR A 707 -28.88 10.13 -0.58
C TYR A 707 -28.68 11.65 -0.49
S SO4 B . 25.90 -2.34 7.55
O1 SO4 B . 25.68 -2.51 6.11
O2 SO4 B . 27.33 -2.11 7.79
O3 SO4 B . 25.51 -3.54 8.29
O4 SO4 B . 25.17 -1.17 8.05
S SO4 C . 4.01 23.04 11.32
O1 SO4 C . 4.57 24.18 10.59
O2 SO4 C . 2.54 23.05 11.28
O3 SO4 C . 4.39 23.09 12.73
O4 SO4 C . 4.50 21.83 10.68
#